data_2ENX
#
_entry.id   2ENX
#
_cell.length_a   181.960
_cell.length_b   181.960
_cell.length_c   132.610
_cell.angle_alpha   90.00
_cell.angle_beta   90.00
_cell.angle_gamma   120.00
#
_symmetry.space_group_name_H-M   'H 3 2'
#
loop_
_entity.id
_entity.type
_entity.pdbx_description
1 polymer 'Manganese-dependent inorganic pyrophosphatase'
2 non-polymer 'MANGANESE (II) ION'
3 non-polymer 'MAGNESIUM ION'
4 non-polymer 'IMIDODIPHOSPHORIC ACID'
5 non-polymer TRYPTOPHAN
6 water water
#
_entity_poly.entity_id   1
_entity_poly.type   'polypeptide(L)'
_entity_poly.pdbx_seq_one_letter_code
;SKILVFGHQNPDSDAIGSSVAFAYLAKEAWGLDTEAVALGTPNEETAYVLDYFGVQAPRVVESAKAEGVETVILTDHNEF
QQSISDIKDVTVYGVVDHHRVANFETANPLYMRLEPVGSASSIVYRMFKENGVSVPKELAGLLLSGLISDTLLLKSPTTH
ASDIPVAKELAELAGVNLEEYGLEMLKAGTNLSSKTAAELIDIDAKTFELNGEAVRVAQVNTVDINDILARQEEIEVAIQ
EAIVTEGYSDFVLMITDIVNSNSEILALGSNMAKVEAAFEFTLENNHAFLAGAVSRKKQVVPQLTESYNA
;
_entity_poly.pdbx_strand_id   A,B
#
# COMPACT_ATOMS: atom_id res chain seq x y z
N SER A 1 0.31 3.49 17.10
CA SER A 1 0.60 2.09 17.56
C SER A 1 0.11 0.96 16.57
N LYS A 2 0.99 0.58 15.62
CA LYS A 2 0.63 -0.20 14.40
C LYS A 2 0.01 -1.58 14.65
N ILE A 3 -0.93 -2.00 13.80
CA ILE A 3 -1.57 -3.33 13.95
C ILE A 3 -1.76 -4.12 12.64
N LEU A 4 -1.17 -5.30 12.54
CA LEU A 4 -1.38 -6.12 11.35
C LEU A 4 -2.74 -6.85 11.38
N VAL A 5 -3.34 -6.99 10.21
CA VAL A 5 -4.60 -7.70 10.09
C VAL A 5 -4.52 -8.78 9.02
N PHE A 6 -4.68 -10.05 9.40
CA PHE A 6 -4.48 -11.16 8.46
C PHE A 6 -5.35 -12.43 8.56
N GLY A 7 -5.34 -13.22 7.50
CA GLY A 7 -5.99 -14.52 7.48
C GLY A 7 -5.04 -15.65 7.83
N HIS A 8 -5.53 -16.87 7.80
CA HIS A 8 -4.71 -18.01 8.17
C HIS A 8 -3.61 -18.27 7.16
N GLN A 9 -2.63 -19.08 7.54
CA GLN A 9 -1.70 -19.68 6.60
C GLN A 9 -2.45 -20.45 5.53
N ASN A 10 -1.80 -20.60 4.38
CA ASN A 10 -2.42 -20.97 3.10
C ASN A 10 -3.66 -20.11 2.85
N PRO A 11 -3.45 -18.80 2.65
CA PRO A 11 -4.55 -17.86 2.70
C PRO A 11 -5.51 -18.06 1.52
N ASP A 12 -6.81 -17.80 1.71
CA ASP A 12 -7.79 -18.00 0.63
C ASP A 12 -8.71 -16.79 0.36
N SER A 13 -9.62 -16.92 -0.60
CA SER A 13 -10.49 -15.80 -0.98
C SER A 13 -11.12 -15.11 0.22
N ASP A 14 -11.79 -15.91 1.04
CA ASP A 14 -12.42 -15.41 2.27
C ASP A 14 -11.40 -14.87 3.23
N ALA A 15 -10.29 -15.59 3.38
CA ALA A 15 -9.23 -15.19 4.29
C ALA A 15 -8.66 -13.82 3.92
N ILE A 16 -8.39 -13.59 2.64
CA ILE A 16 -7.82 -12.31 2.19
C ILE A 16 -8.85 -11.18 2.21
N GLY A 17 -10.01 -11.46 1.62
CA GLY A 17 -11.09 -10.47 1.52
C GLY A 17 -11.42 -9.88 2.88
N SER A 18 -11.92 -10.75 3.76
CA SER A 18 -12.30 -10.36 5.11
C SER A 18 -11.19 -9.55 5.80
N SER A 19 -9.97 -10.08 5.80
CA SER A 19 -8.86 -9.38 6.41
C SER A 19 -8.69 -8.01 5.80
N VAL A 20 -8.44 -7.92 4.49
CA VAL A 20 -8.27 -6.61 3.86
C VAL A 20 -9.47 -5.68 4.14
N ALA A 21 -10.66 -6.06 3.69
CA ALA A 21 -11.91 -5.34 3.99
C ALA A 21 -11.92 -4.62 5.35
N PHE A 22 -11.49 -5.35 6.37
CA PHE A 22 -11.60 -4.90 7.76
C PHE A 22 -10.55 -3.86 8.15
N ALA A 23 -9.28 -4.08 7.79
CA ALA A 23 -8.24 -3.08 8.02
C ALA A 23 -8.68 -1.68 7.60
N TYR A 24 -9.51 -1.63 6.56
CA TYR A 24 -10.14 -0.40 6.09
C TYR A 24 -11.18 0.09 7.11
N LEU A 25 -12.18 -0.73 7.43
CA LEU A 25 -13.20 -0.36 8.43
C LEU A 25 -12.59 0.16 9.74
N ALA A 26 -11.64 -0.59 10.29
CA ALA A 26 -11.00 -0.24 11.57
C ALA A 26 -10.42 1.20 11.58
N LYS A 27 -9.64 1.52 10.56
CA LYS A 27 -9.14 2.85 10.29
C LYS A 27 -10.27 3.90 10.24
N GLU A 28 -11.26 3.67 9.36
CA GLU A 28 -12.31 4.67 9.08
C GLU A 28 -13.31 4.87 10.24
N ALA A 29 -13.65 3.76 10.91
CA ALA A 29 -14.56 3.80 12.06
C ALA A 29 -13.85 4.29 13.35
N TRP A 30 -12.72 3.66 13.69
CA TRP A 30 -12.11 3.88 14.97
C TRP A 30 -10.73 4.50 14.89
N GLY A 31 -10.33 4.92 13.69
CA GLY A 31 -8.98 5.45 13.49
C GLY A 31 -7.90 4.62 14.16
N LEU A 32 -7.93 3.31 13.95
CA LEU A 32 -6.79 2.49 14.33
C LEU A 32 -5.73 2.52 13.22
N ASP A 33 -4.56 2.02 13.53
CA ASP A 33 -3.43 2.06 12.63
C ASP A 33 -3.20 0.70 11.99
N THR A 34 -4.27 0.21 11.35
CA THR A 34 -4.32 -1.16 10.85
C THR A 34 -3.89 -1.21 9.41
N GLU A 35 -2.96 -2.14 9.15
CA GLU A 35 -2.51 -2.48 7.79
C GLU A 35 -2.70 -3.98 7.51
N ALA A 36 -3.59 -4.28 6.56
CA ALA A 36 -3.89 -5.66 6.15
C ALA A 36 -2.71 -6.30 5.44
N VAL A 37 -2.24 -7.46 5.93
CA VAL A 37 -1.16 -8.20 5.26
C VAL A 37 -1.46 -9.69 5.29
N ALA A 38 -0.73 -10.49 4.52
CA ALA A 38 -1.04 -11.90 4.48
C ALA A 38 0.17 -12.82 4.54
N LEU A 39 -0.07 -14.09 4.82
CA LEU A 39 0.99 -15.04 5.09
C LEU A 39 1.32 -15.94 3.90
N GLY A 40 0.94 -15.52 2.69
CA GLY A 40 1.22 -16.32 1.48
C GLY A 40 0.73 -15.77 0.16
N THR A 41 1.21 -16.38 -0.92
CA THR A 41 0.74 -16.07 -2.27
C THR A 41 -0.70 -16.54 -2.38
N PRO A 42 -1.57 -15.65 -2.86
CA PRO A 42 -2.94 -15.97 -3.24
C PRO A 42 -3.01 -17.23 -4.07
N ASN A 43 -4.08 -18.00 -3.91
CA ASN A 43 -4.32 -19.12 -4.80
C ASN A 43 -4.93 -18.70 -6.16
N GLU A 44 -4.95 -19.61 -7.12
CA GLU A 44 -5.39 -19.29 -8.48
C GLU A 44 -6.78 -18.66 -8.56
N GLU A 45 -7.64 -19.04 -7.62
CA GLU A 45 -9.01 -18.51 -7.51
C GLU A 45 -8.91 -17.07 -7.06
N THR A 46 -8.30 -16.84 -5.87
CA THR A 46 -8.17 -15.48 -5.33
C THR A 46 -7.49 -14.60 -6.38
N ALA A 47 -6.39 -15.09 -6.95
CA ALA A 47 -5.73 -14.38 -8.06
C ALA A 47 -6.79 -13.77 -8.98
N TYR A 48 -7.66 -14.61 -9.54
CA TYR A 48 -8.74 -14.14 -10.43
C TYR A 48 -9.65 -13.05 -9.83
N VAL A 49 -10.07 -13.22 -8.58
CA VAL A 49 -10.84 -12.21 -7.86
C VAL A 49 -10.07 -10.90 -7.77
N LEU A 50 -8.81 -11.02 -7.35
CA LEU A 50 -7.91 -9.89 -7.16
C LEU A 50 -7.68 -9.10 -8.42
N ASP A 51 -7.45 -9.83 -9.51
CA ASP A 51 -7.32 -9.22 -10.80
C ASP A 51 -8.65 -8.72 -11.39
N TYR A 52 -9.75 -9.46 -11.21
CA TYR A 52 -11.09 -9.03 -11.62
C TYR A 52 -11.55 -7.67 -11.08
N PHE A 53 -11.10 -7.31 -9.88
CA PHE A 53 -11.47 -6.03 -9.25
C PHE A 53 -10.29 -5.08 -9.18
N GLY A 54 -9.15 -5.55 -9.68
CA GLY A 54 -7.96 -4.74 -9.74
C GLY A 54 -7.41 -4.32 -8.39
N VAL A 55 -7.50 -5.20 -7.40
CA VAL A 55 -6.77 -4.97 -6.16
C VAL A 55 -5.47 -5.78 -6.15
N GLN A 56 -4.47 -5.22 -5.48
CA GLN A 56 -3.18 -5.88 -5.37
C GLN A 56 -3.20 -6.84 -4.22
N ALA A 57 -2.61 -8.01 -4.43
CA ALA A 57 -2.49 -9.00 -3.37
C ALA A 57 -1.60 -8.43 -2.26
N PRO A 58 -2.04 -8.58 -0.98
CA PRO A 58 -1.36 -8.05 0.21
C PRO A 58 0.03 -8.68 0.45
N ARG A 59 1.03 -7.84 0.74
CA ARG A 59 2.41 -8.34 0.97
C ARG A 59 2.52 -9.52 1.97
N VAL A 60 3.52 -10.35 1.76
CA VAL A 60 3.64 -11.53 2.55
C VAL A 60 4.61 -11.28 3.69
N VAL A 61 4.11 -11.55 4.89
CA VAL A 61 4.79 -11.25 6.13
C VAL A 61 5.44 -12.51 6.71
N GLU A 62 6.51 -12.32 7.49
CA GLU A 62 7.33 -13.41 8.03
C GLU A 62 7.02 -13.71 9.48
N SER A 63 6.85 -12.64 10.24
CA SER A 63 6.70 -12.69 11.68
C SER A 63 6.42 -11.26 12.08
N ALA A 64 5.73 -11.05 13.20
CA ALA A 64 5.39 -9.69 13.60
C ALA A 64 6.66 -8.96 13.96
N LYS A 65 7.58 -9.67 14.63
CA LYS A 65 8.81 -9.06 15.08
C LYS A 65 9.58 -8.49 13.89
N ALA A 66 9.53 -9.18 12.75
CA ALA A 66 10.23 -8.74 11.56
C ALA A 66 9.67 -7.40 11.15
N GLU A 67 8.37 -7.23 11.34
CA GLU A 67 7.76 -5.94 11.01
C GLU A 67 7.88 -4.94 12.18
N GLY A 68 8.42 -5.39 13.31
CA GLY A 68 8.42 -4.62 14.55
C GLY A 68 6.99 -4.24 14.87
N VAL A 69 6.17 -5.24 15.19
CA VAL A 69 4.76 -5.04 15.59
C VAL A 69 4.49 -6.01 16.74
N GLU A 70 3.72 -5.60 17.75
CA GLU A 70 3.38 -6.54 18.82
C GLU A 70 1.90 -6.87 18.93
N THR A 71 1.10 -6.18 18.13
CA THR A 71 -0.35 -6.26 18.28
C THR A 71 -1.01 -6.60 16.94
N VAL A 72 -1.86 -7.63 16.94
CA VAL A 72 -2.47 -8.12 15.70
C VAL A 72 -3.98 -8.26 15.75
N ILE A 73 -4.58 -8.45 14.59
CA ILE A 73 -5.99 -8.82 14.51
C ILE A 73 -6.18 -9.96 13.51
N LEU A 74 -6.71 -11.07 14.00
CA LEU A 74 -6.92 -12.27 13.19
C LEU A 74 -8.32 -12.28 12.57
N THR A 75 -8.39 -12.60 11.28
CA THR A 75 -9.67 -12.89 10.64
C THR A 75 -9.67 -14.31 9.99
N ASP A 76 -10.81 -14.99 10.06
CA ASP A 76 -11.03 -16.30 9.41
C ASP A 76 -10.28 -17.50 10.07
N HIS A 77 -9.79 -17.29 11.30
CA HIS A 77 -9.06 -18.31 12.07
C HIS A 77 -8.85 -17.85 13.52
N ASN A 78 -8.31 -18.74 14.36
CA ASN A 78 -7.99 -18.40 15.75
C ASN A 78 -7.06 -19.40 16.37
N GLU A 79 -6.97 -20.58 15.76
CA GLU A 79 -6.14 -21.67 16.27
C GLU A 79 -4.67 -21.33 16.08
N PHE A 80 -3.97 -21.20 17.21
CA PHE A 80 -2.60 -20.72 17.22
C PHE A 80 -1.69 -21.37 16.20
N GLN A 81 -1.87 -22.67 15.99
CA GLN A 81 -1.03 -23.38 15.02
C GLN A 81 -1.36 -23.04 13.56
N GLN A 82 -2.48 -22.36 13.31
CA GLN A 82 -2.84 -21.94 11.95
C GLN A 82 -2.44 -20.49 11.62
N SER A 83 -1.95 -19.76 12.63
CA SER A 83 -1.78 -18.32 12.58
C SER A 83 -0.39 -17.92 12.09
N ILE A 84 -0.06 -16.62 12.18
CA ILE A 84 1.30 -16.09 11.95
C ILE A 84 2.33 -16.90 12.75
N SER A 85 3.59 -16.93 12.31
CA SER A 85 4.63 -17.76 12.95
C SER A 85 4.92 -17.45 14.43
N ASP A 86 4.88 -16.18 14.83
CA ASP A 86 5.18 -15.83 16.21
C ASP A 86 3.99 -15.36 17.06
N ILE A 87 2.83 -16.00 16.89
CA ILE A 87 1.56 -15.64 17.59
C ILE A 87 1.57 -15.81 19.13
N LYS A 88 2.62 -16.41 19.66
CA LYS A 88 2.66 -16.56 21.11
C LYS A 88 3.17 -15.31 21.84
N ASP A 89 3.96 -14.50 21.13
CA ASP A 89 4.67 -13.35 21.75
C ASP A 89 4.08 -12.01 21.30
N VAL A 90 2.85 -12.06 20.83
CA VAL A 90 2.11 -10.88 20.44
C VAL A 90 0.84 -10.76 21.27
N THR A 91 0.22 -9.58 21.24
CA THR A 91 -1.10 -9.42 21.81
C THR A 91 -2.11 -9.54 20.69
N VAL A 92 -3.12 -10.40 20.89
CA VAL A 92 -4.26 -10.46 19.98
C VAL A 92 -5.18 -9.28 20.34
N TYR A 93 -5.36 -8.34 19.44
CA TYR A 93 -6.26 -7.24 19.76
C TYR A 93 -7.72 -7.69 19.62
N GLY A 94 -8.02 -8.31 18.49
CA GLY A 94 -9.38 -8.65 18.17
C GLY A 94 -9.39 -9.80 17.22
N VAL A 95 -10.51 -10.55 17.22
CA VAL A 95 -10.71 -11.67 16.30
C VAL A 95 -12.09 -11.57 15.63
N VAL A 96 -12.09 -11.68 14.31
CA VAL A 96 -13.33 -11.86 13.56
C VAL A 96 -13.23 -13.18 12.78
N ASP A 97 -14.07 -14.15 13.13
CA ASP A 97 -13.97 -15.52 12.59
C ASP A 97 -15.35 -16.25 12.56
N HIS A 98 -15.37 -17.41 11.88
CA HIS A 98 -16.57 -18.27 11.74
C HIS A 98 -16.23 -19.76 11.86
N HIS A 99 -15.18 -20.05 12.62
CA HIS A 99 -14.75 -21.43 12.91
C HIS A 99 -14.96 -21.83 14.39
N ARG A 100 -14.82 -23.13 14.66
CA ARG A 100 -14.73 -23.60 16.04
C ARG A 100 -13.50 -22.97 16.72
N VAL A 101 -13.45 -23.03 18.04
CA VAL A 101 -12.32 -22.48 18.81
C VAL A 101 -11.49 -23.60 19.48
N ALA A 102 -10.16 -23.53 19.27
CA ALA A 102 -9.20 -24.41 19.92
C ALA A 102 -7.81 -23.75 19.96
N ASN A 103 -6.93 -24.29 20.80
CA ASN A 103 -5.54 -23.83 20.92
C ASN A 103 -5.34 -22.32 20.82
N PHE A 104 -6.22 -21.58 21.49
CA PHE A 104 -6.28 -20.11 21.48
C PHE A 104 -6.40 -19.59 22.93
N GLU A 105 -5.42 -18.79 23.36
CA GLU A 105 -5.48 -18.18 24.69
C GLU A 105 -4.84 -16.79 24.74
N THR A 106 -5.19 -16.00 25.77
CA THR A 106 -4.73 -14.61 25.89
C THR A 106 -4.45 -14.21 27.35
N ALA A 107 -3.87 -13.03 27.54
CA ALA A 107 -3.51 -12.58 28.89
C ALA A 107 -4.52 -11.55 29.38
N ASN A 108 -5.23 -10.93 28.44
CA ASN A 108 -6.11 -9.81 28.70
C ASN A 108 -7.38 -9.92 27.88
N PRO A 109 -8.42 -9.13 28.25
CA PRO A 109 -9.68 -9.22 27.49
C PRO A 109 -9.56 -8.59 26.13
N LEU A 110 -10.12 -9.24 25.13
CA LEU A 110 -10.02 -8.77 23.76
C LEU A 110 -11.37 -8.49 23.18
N TYR A 111 -11.38 -8.11 21.90
CA TYR A 111 -12.60 -8.04 21.14
C TYR A 111 -12.67 -9.33 20.36
N MET A 112 -13.82 -9.98 20.41
CA MET A 112 -14.06 -11.10 19.51
C MET A 112 -15.44 -10.89 18.93
N ARG A 113 -15.65 -11.42 17.75
CA ARG A 113 -16.92 -11.36 17.07
C ARG A 113 -16.95 -12.58 16.19
N LEU A 114 -17.41 -13.69 16.75
CA LEU A 114 -17.56 -14.91 15.99
C LEU A 114 -19.04 -15.19 15.79
N GLU A 115 -19.43 -15.45 14.54
CA GLU A 115 -20.79 -15.92 14.24
C GLU A 115 -20.65 -17.12 13.30
N PRO A 116 -21.57 -18.11 13.42
CA PRO A 116 -21.52 -19.28 12.58
C PRO A 116 -22.28 -19.03 11.28
N VAL A 117 -21.56 -18.55 10.28
CA VAL A 117 -22.15 -18.20 8.98
C VAL A 117 -21.22 -18.63 7.86
N GLY A 118 -21.68 -18.51 6.64
CA GLY A 118 -21.02 -19.11 5.50
C GLY A 118 -19.64 -18.60 5.18
N SER A 119 -19.33 -17.38 5.65
CA SER A 119 -17.95 -16.84 5.59
C SER A 119 -17.66 -15.85 6.72
N ALA A 120 -16.39 -15.51 6.90
CA ALA A 120 -15.98 -14.48 7.82
C ALA A 120 -16.23 -13.10 7.20
N SER A 121 -16.48 -13.06 5.89
CA SER A 121 -16.70 -11.80 5.20
C SER A 121 -18.11 -11.27 5.41
N SER A 122 -19.08 -12.18 5.48
CA SER A 122 -20.47 -11.82 5.75
C SER A 122 -20.61 -11.07 7.07
N ILE A 123 -19.68 -11.31 7.99
CA ILE A 123 -19.65 -10.66 9.28
C ILE A 123 -19.05 -9.25 9.17
N VAL A 124 -17.88 -9.14 8.53
CA VAL A 124 -17.22 -7.84 8.28
C VAL A 124 -18.17 -6.88 7.53
N TYR A 125 -18.83 -7.39 6.49
CA TYR A 125 -19.88 -6.63 5.82
C TYR A 125 -20.92 -6.15 6.83
N ARG A 126 -21.57 -7.09 7.51
CA ARG A 126 -22.60 -6.74 8.48
C ARG A 126 -22.05 -5.66 9.45
N MET A 127 -20.79 -5.80 9.84
CA MET A 127 -20.11 -4.85 10.72
C MET A 127 -19.86 -3.48 10.13
N PHE A 128 -19.53 -3.41 8.83
CA PHE A 128 -19.47 -2.15 8.08
C PHE A 128 -20.80 -1.38 8.22
N LYS A 129 -21.90 -2.14 8.22
CA LYS A 129 -23.26 -1.60 8.34
C LYS A 129 -23.58 -1.05 9.72
N GLU A 130 -23.17 -1.76 10.77
CA GLU A 130 -23.45 -1.26 12.12
C GLU A 130 -22.76 0.08 12.40
N ASN A 131 -21.72 0.44 11.64
CA ASN A 131 -20.99 1.68 11.90
C ASN A 131 -21.10 2.71 10.77
N GLY A 132 -22.20 2.62 10.01
CA GLY A 132 -22.52 3.55 8.92
C GLY A 132 -21.37 3.92 7.97
N VAL A 133 -20.52 2.94 7.66
CA VAL A 133 -19.43 3.12 6.72
C VAL A 133 -19.84 2.55 5.37
N SER A 134 -19.75 3.38 4.32
CA SER A 134 -20.05 2.91 2.97
C SER A 134 -18.90 2.07 2.49
N VAL A 135 -19.24 0.94 1.88
CA VAL A 135 -18.24 0.03 1.37
C VAL A 135 -17.79 0.52 0.00
N PRO A 136 -16.48 0.77 -0.21
CA PRO A 136 -16.14 1.01 -1.64
C PRO A 136 -16.62 -0.14 -2.53
N LYS A 137 -16.90 0.14 -3.80
CA LYS A 137 -17.27 -0.93 -4.72
C LYS A 137 -16.30 -2.14 -4.66
N GLU A 138 -15.00 -1.87 -4.77
CA GLU A 138 -13.98 -2.93 -4.87
C GLU A 138 -13.78 -3.82 -3.64
N LEU A 139 -14.03 -3.27 -2.45
CA LEU A 139 -14.13 -4.11 -1.27
C LEU A 139 -15.44 -4.90 -1.30
N ALA A 140 -16.50 -4.33 -1.88
CA ALA A 140 -17.75 -5.07 -2.02
C ALA A 140 -17.51 -6.28 -2.90
N GLY A 141 -16.51 -6.16 -3.77
CA GLY A 141 -16.14 -7.24 -4.66
C GLY A 141 -15.43 -8.36 -3.94
N LEU A 142 -14.38 -7.99 -3.21
CA LEU A 142 -13.60 -8.95 -2.47
C LEU A 142 -14.54 -9.65 -1.51
N LEU A 143 -15.21 -8.89 -0.64
CA LEU A 143 -16.09 -9.47 0.35
C LEU A 143 -17.02 -10.51 -0.26
N LEU A 144 -17.70 -10.14 -1.33
CA LEU A 144 -18.59 -11.05 -2.03
C LEU A 144 -17.90 -12.36 -2.40
N SER A 145 -16.77 -12.25 -3.09
CA SER A 145 -16.02 -13.42 -3.49
C SER A 145 -15.81 -14.32 -2.30
N GLY A 146 -15.15 -13.79 -1.26
CA GLY A 146 -15.09 -14.45 0.04
C GLY A 146 -16.32 -15.29 0.38
N LEU A 147 -17.51 -14.70 0.28
CA LEU A 147 -18.74 -15.44 0.59
C LEU A 147 -19.12 -16.53 -0.45
N ILE A 148 -18.96 -16.22 -1.74
CA ILE A 148 -19.13 -17.22 -2.80
C ILE A 148 -18.14 -18.38 -2.62
N SER A 149 -16.85 -18.03 -2.61
CA SER A 149 -15.77 -18.99 -2.42
C SER A 149 -16.07 -19.99 -1.32
N ASP A 150 -16.27 -19.48 -0.11
CA ASP A 150 -16.58 -20.30 1.04
C ASP A 150 -17.86 -21.17 1.03
N THR A 151 -18.89 -20.75 0.30
CA THR A 151 -20.18 -21.44 0.36
C THR A 151 -20.41 -22.29 -0.87
N LEU A 152 -19.59 -22.07 -1.89
CA LEU A 152 -19.73 -22.67 -3.23
C LEU A 152 -20.97 -22.15 -3.92
N LEU A 153 -21.02 -20.81 -4.04
CA LEU A 153 -22.20 -20.09 -4.50
C LEU A 153 -23.42 -20.56 -3.70
N LEU A 154 -23.42 -20.20 -2.42
CA LEU A 154 -24.53 -20.38 -1.46
C LEU A 154 -25.23 -21.72 -1.48
N LYS A 155 -24.47 -22.82 -1.50
CA LYS A 155 -25.04 -24.17 -1.44
C LYS A 155 -24.33 -25.17 -0.51
N SER A 156 -23.26 -24.73 0.15
CA SER A 156 -22.58 -25.50 1.21
C SER A 156 -23.53 -25.63 2.40
N PRO A 157 -23.42 -26.74 3.18
CA PRO A 157 -24.20 -26.78 4.41
C PRO A 157 -23.74 -25.75 5.45
N THR A 158 -22.95 -24.77 5.05
CA THR A 158 -22.56 -23.68 5.96
C THR A 158 -23.29 -22.37 5.65
N THR A 159 -23.94 -22.29 4.50
CA THR A 159 -24.72 -21.12 4.17
C THR A 159 -25.81 -20.98 5.21
N HIS A 160 -25.79 -19.84 5.90
CA HIS A 160 -26.86 -19.47 6.80
C HIS A 160 -27.90 -18.61 6.05
N ALA A 161 -29.12 -18.51 6.59
CA ALA A 161 -30.11 -17.62 5.99
C ALA A 161 -29.61 -16.16 5.99
N SER A 162 -28.88 -15.77 7.04
CA SER A 162 -28.27 -14.42 7.09
C SER A 162 -27.38 -14.08 5.86
N ASP A 163 -26.93 -15.10 5.14
CA ASP A 163 -26.01 -14.88 4.03
C ASP A 163 -26.69 -14.36 2.79
N ILE A 164 -27.96 -14.73 2.63
CA ILE A 164 -28.66 -14.50 1.36
C ILE A 164 -28.90 -13.00 1.07
N PRO A 165 -29.62 -12.30 1.95
CA PRO A 165 -29.60 -10.85 1.77
C PRO A 165 -28.19 -10.30 1.56
N VAL A 166 -27.23 -10.75 2.37
CA VAL A 166 -25.83 -10.32 2.24
C VAL A 166 -25.32 -10.49 0.81
N ALA A 167 -25.79 -11.55 0.16
CA ALA A 167 -25.36 -11.84 -1.19
C ALA A 167 -25.87 -10.78 -2.15
N LYS A 168 -27.20 -10.70 -2.33
CA LYS A 168 -27.86 -9.68 -3.19
C LYS A 168 -27.12 -8.38 -3.07
N GLU A 169 -27.14 -7.83 -1.84
CA GLU A 169 -26.64 -6.48 -1.53
C GLU A 169 -25.18 -6.25 -1.95
N LEU A 170 -24.33 -7.26 -1.78
CA LEU A 170 -22.94 -7.16 -2.17
C LEU A 170 -22.73 -7.21 -3.68
N ALA A 171 -23.41 -8.16 -4.31
CA ALA A 171 -23.32 -8.37 -5.75
C ALA A 171 -23.66 -7.07 -6.44
N GLU A 172 -24.75 -6.47 -5.98
CA GLU A 172 -25.24 -5.21 -6.50
C GLU A 172 -24.18 -4.13 -6.34
N LEU A 173 -23.67 -3.98 -5.13
CA LEU A 173 -22.57 -3.02 -4.84
C LEU A 173 -21.28 -3.24 -5.64
N ALA A 174 -21.13 -4.46 -6.18
CA ALA A 174 -19.94 -4.83 -6.95
C ALA A 174 -20.17 -4.66 -8.47
N GLY A 175 -21.43 -4.58 -8.86
CA GLY A 175 -21.81 -4.46 -10.27
C GLY A 175 -21.67 -5.74 -11.09
N VAL A 176 -21.88 -6.88 -10.45
CA VAL A 176 -21.81 -8.16 -11.16
C VAL A 176 -23.09 -8.91 -10.92
N ASN A 177 -23.45 -9.74 -11.87
CA ASN A 177 -24.47 -10.70 -11.61
C ASN A 177 -23.90 -11.87 -10.80
N LEU A 178 -24.64 -12.18 -9.74
CA LEU A 178 -24.23 -13.16 -8.74
C LEU A 178 -24.03 -14.56 -9.34
N GLU A 179 -25.08 -15.04 -10.00
CA GLU A 179 -25.04 -16.35 -10.60
C GLU A 179 -23.92 -16.45 -11.60
N GLU A 180 -23.78 -15.36 -12.36
CA GLU A 180 -22.91 -15.27 -13.51
C GLU A 180 -21.42 -15.12 -13.15
N TYR A 181 -21.13 -14.31 -12.14
CA TYR A 181 -19.76 -14.11 -11.68
C TYR A 181 -19.27 -15.32 -10.87
N GLY A 182 -20.20 -15.88 -10.09
CA GLY A 182 -19.90 -17.01 -9.23
C GLY A 182 -19.23 -18.16 -9.94
N LEU A 183 -19.85 -18.65 -11.02
CA LEU A 183 -19.31 -19.82 -11.74
C LEU A 183 -17.93 -19.54 -12.30
N GLU A 184 -17.75 -18.33 -12.84
CA GLU A 184 -16.50 -17.99 -13.50
C GLU A 184 -15.27 -17.79 -12.57
N MET A 185 -15.49 -17.43 -11.31
CA MET A 185 -14.37 -17.44 -10.34
C MET A 185 -14.13 -18.86 -9.80
N LEU A 186 -15.23 -19.57 -9.48
CA LEU A 186 -15.16 -20.96 -9.01
C LEU A 186 -14.45 -21.82 -10.04
N LYS A 187 -14.63 -21.51 -11.32
CA LYS A 187 -13.88 -22.20 -12.35
C LYS A 187 -12.39 -21.99 -12.18
N ALA A 188 -11.99 -20.75 -11.88
CA ALA A 188 -10.57 -20.37 -11.75
C ALA A 188 -9.82 -21.17 -10.68
N GLY A 189 -10.55 -21.72 -9.72
CA GLY A 189 -9.93 -22.52 -8.69
C GLY A 189 -9.86 -23.99 -9.03
N THR A 190 -10.49 -24.43 -10.11
CA THR A 190 -10.45 -25.86 -10.43
C THR A 190 -9.31 -26.21 -11.40
N ASN A 191 -8.55 -25.22 -11.84
CA ASN A 191 -7.39 -25.48 -12.69
C ASN A 191 -6.21 -25.99 -11.88
N LEU A 192 -6.09 -27.32 -11.80
CA LEU A 192 -5.06 -27.93 -10.98
C LEU A 192 -3.92 -28.47 -11.81
N SER A 193 -3.83 -28.04 -13.07
CA SER A 193 -2.75 -28.51 -13.94
C SER A 193 -1.47 -27.70 -13.73
N SER A 194 -1.64 -26.49 -13.20
CA SER A 194 -0.52 -25.59 -12.96
C SER A 194 0.25 -25.96 -11.68
N LYS A 195 -0.17 -27.08 -11.06
CA LYS A 195 0.32 -27.50 -9.77
C LYS A 195 0.81 -28.94 -9.77
N THR A 196 2.04 -29.07 -9.30
CA THR A 196 2.70 -30.34 -9.08
C THR A 196 2.12 -30.96 -7.82
N ALA A 197 2.13 -32.29 -7.75
CA ALA A 197 1.51 -32.99 -6.64
C ALA A 197 2.04 -32.51 -5.29
N ALA A 198 3.23 -31.92 -5.29
CA ALA A 198 3.76 -31.33 -4.07
C ALA A 198 2.90 -30.14 -3.67
N GLU A 199 2.84 -29.15 -4.54
CA GLU A 199 2.06 -27.95 -4.32
C GLU A 199 0.56 -28.24 -4.13
N LEU A 200 0.05 -29.22 -4.87
CA LEU A 200 -1.38 -29.59 -4.91
C LEU A 200 -1.98 -29.91 -3.51
N ILE A 201 -1.38 -30.86 -2.81
CA ILE A 201 -1.70 -31.15 -1.40
C ILE A 201 -1.47 -29.97 -0.44
N ASP A 202 -1.10 -28.80 -0.95
CA ASP A 202 -0.79 -27.65 -0.11
C ASP A 202 -1.30 -26.31 -0.68
N ILE A 203 -2.33 -26.36 -1.51
CA ILE A 203 -2.99 -25.15 -1.96
C ILE A 203 -3.89 -24.64 -0.85
N ASP A 204 -4.44 -25.59 -0.11
CA ASP A 204 -5.47 -25.35 0.88
C ASP A 204 -5.45 -26.46 1.94
N ALA A 205 -4.58 -26.28 2.93
CA ALA A 205 -4.43 -27.27 3.96
C ALA A 205 -4.30 -26.55 5.30
N LYS A 206 -4.64 -27.23 6.38
CA LYS A 206 -4.55 -26.70 7.73
C LYS A 206 -4.12 -27.81 8.63
N THR A 207 -3.37 -27.47 9.66
CA THR A 207 -2.99 -28.45 10.69
C THR A 207 -3.97 -28.48 11.87
N PHE A 208 -4.33 -29.68 12.32
CA PHE A 208 -5.18 -29.81 13.50
C PHE A 208 -4.47 -30.64 14.56
N GLU A 209 -4.58 -30.22 15.81
CA GLU A 209 -4.03 -30.97 16.95
C GLU A 209 -5.17 -31.76 17.59
N LEU A 210 -5.38 -32.98 17.12
CA LEU A 210 -6.41 -33.80 17.70
C LEU A 210 -5.72 -34.73 18.68
N ASN A 211 -6.01 -34.51 19.97
CA ASN A 211 -5.71 -35.47 21.03
C ASN A 211 -4.27 -35.96 20.99
N GLY A 212 -3.31 -35.05 21.04
CA GLY A 212 -1.89 -35.42 20.94
C GLY A 212 -1.37 -35.43 19.51
N GLU A 213 -2.22 -35.84 18.57
CA GLU A 213 -1.82 -36.02 17.18
C GLU A 213 -1.79 -34.68 16.41
N ALA A 214 -0.89 -34.59 15.43
CA ALA A 214 -0.95 -33.57 14.38
C ALA A 214 -1.60 -34.23 13.19
N VAL A 215 -2.83 -33.85 12.87
CA VAL A 215 -3.48 -34.27 11.63
C VAL A 215 -3.63 -33.08 10.68
N ARG A 216 -3.22 -33.30 9.43
CA ARG A 216 -3.18 -32.24 8.43
C ARG A 216 -4.18 -32.53 7.29
N VAL A 217 -5.16 -31.64 7.16
CA VAL A 217 -6.31 -31.85 6.28
C VAL A 217 -6.32 -30.85 5.15
N ALA A 218 -6.32 -31.37 3.93
CA ALA A 218 -6.11 -30.56 2.76
C ALA A 218 -7.29 -30.73 1.86
N GLN A 219 -7.55 -29.70 1.06
CA GLN A 219 -8.67 -29.76 0.17
C GLN A 219 -8.27 -29.18 -1.17
N VAL A 220 -8.88 -29.73 -2.22
CA VAL A 220 -8.74 -29.21 -3.57
C VAL A 220 -10.11 -29.10 -4.19
N ASN A 221 -10.24 -28.18 -5.13
CA ASN A 221 -11.47 -28.05 -5.92
C ASN A 221 -11.31 -28.61 -7.33
N THR A 222 -12.27 -29.43 -7.76
CA THR A 222 -12.19 -30.00 -9.10
C THR A 222 -13.56 -30.15 -9.70
N VAL A 223 -13.57 -30.31 -11.03
CA VAL A 223 -14.78 -30.61 -11.80
C VAL A 223 -14.91 -32.10 -12.13
N ASP A 224 -13.86 -32.87 -11.85
CA ASP A 224 -13.79 -34.28 -12.19
C ASP A 224 -12.81 -35.01 -11.27
N ILE A 225 -13.39 -35.80 -10.37
CA ILE A 225 -12.61 -36.56 -9.40
C ILE A 225 -11.44 -37.35 -10.02
N ASN A 226 -11.71 -38.08 -11.10
CA ASN A 226 -10.73 -38.99 -11.74
C ASN A 226 -9.50 -38.34 -12.34
N ASP A 227 -9.54 -37.02 -12.47
CA ASP A 227 -8.38 -36.25 -12.89
C ASP A 227 -7.32 -36.35 -11.83
N ILE A 228 -7.73 -36.12 -10.61
CA ILE A 228 -6.84 -36.25 -9.50
C ILE A 228 -6.58 -37.75 -9.22
N LEU A 229 -7.61 -38.60 -9.26
CA LEU A 229 -7.36 -40.03 -9.05
C LEU A 229 -6.43 -40.64 -10.08
N ALA A 230 -6.34 -40.04 -11.25
CA ALA A 230 -5.35 -40.47 -12.25
C ALA A 230 -3.93 -40.03 -11.84
N ARG A 231 -3.81 -39.02 -10.98
CA ARG A 231 -2.52 -38.57 -10.47
C ARG A 231 -2.19 -39.22 -9.12
N GLN A 232 -3.01 -40.19 -8.69
CA GLN A 232 -2.85 -40.82 -7.36
C GLN A 232 -1.40 -41.07 -6.90
N GLU A 233 -0.60 -41.70 -7.75
CA GLU A 233 0.78 -42.09 -7.41
C GLU A 233 1.60 -40.95 -6.85
N GLU A 234 1.90 -39.94 -7.67
CA GLU A 234 2.74 -38.83 -7.21
C GLU A 234 2.08 -38.20 -6.00
N ILE A 235 0.82 -37.80 -6.14
CA ILE A 235 0.02 -37.30 -4.99
C ILE A 235 0.37 -38.01 -3.65
N GLU A 236 0.43 -39.35 -3.67
CA GLU A 236 0.79 -40.14 -2.49
C GLU A 236 2.28 -40.04 -2.13
N VAL A 237 3.13 -40.08 -3.15
CA VAL A 237 4.56 -39.91 -2.90
C VAL A 237 4.82 -38.60 -2.17
N ALA A 238 4.04 -37.58 -2.54
CA ALA A 238 4.17 -36.22 -1.99
C ALA A 238 3.69 -36.20 -0.55
N ILE A 239 2.48 -36.73 -0.35
CA ILE A 239 1.85 -36.89 0.97
C ILE A 239 2.80 -37.55 1.97
N GLN A 240 3.40 -38.69 1.58
CA GLN A 240 4.35 -39.37 2.45
C GLN A 240 5.47 -38.43 2.89
N GLU A 241 6.13 -37.78 1.93
CA GLU A 241 7.19 -36.80 2.24
C GLU A 241 6.75 -35.79 3.30
N ALA A 242 5.51 -35.31 3.20
CA ALA A 242 4.96 -34.36 4.17
C ALA A 242 4.87 -34.92 5.60
N ILE A 243 4.33 -36.14 5.70
CA ILE A 243 4.18 -36.82 6.97
C ILE A 243 5.53 -37.10 7.64
N VAL A 244 6.53 -37.48 6.87
CA VAL A 244 7.84 -37.75 7.42
C VAL A 244 8.48 -36.44 7.90
N THR A 245 8.69 -35.52 6.96
CA THR A 245 9.32 -34.23 7.19
C THR A 245 8.63 -33.35 8.25
N GLU A 246 7.31 -33.29 8.24
CA GLU A 246 6.64 -32.38 9.19
C GLU A 246 6.37 -33.01 10.55
N GLY A 247 6.27 -34.33 10.58
CA GLY A 247 5.92 -35.01 11.81
C GLY A 247 4.41 -34.95 12.02
N TYR A 248 3.66 -34.98 10.93
CA TYR A 248 2.25 -35.27 11.05
C TYR A 248 2.10 -36.74 11.47
N SER A 249 0.96 -37.06 12.09
CA SER A 249 0.62 -38.45 12.37
C SER A 249 -0.08 -39.05 11.17
N ASP A 250 -0.95 -38.26 10.53
CA ASP A 250 -1.74 -38.65 9.35
C ASP A 250 -2.00 -37.44 8.49
N PHE A 251 -2.40 -37.72 7.25
CA PHE A 251 -2.78 -36.70 6.28
C PHE A 251 -4.15 -37.06 5.73
N VAL A 252 -5.04 -36.08 5.56
CA VAL A 252 -6.34 -36.35 4.94
C VAL A 252 -6.63 -35.42 3.76
N LEU A 253 -7.03 -35.97 2.61
CA LEU A 253 -7.28 -35.15 1.43
C LEU A 253 -8.69 -35.29 0.86
N MET A 254 -9.38 -34.15 0.88
CA MET A 254 -10.73 -33.99 0.35
C MET A 254 -10.66 -33.60 -1.13
N ILE A 255 -11.01 -34.53 -2.03
CA ILE A 255 -11.12 -34.20 -3.46
C ILE A 255 -12.57 -33.84 -3.86
N THR A 256 -12.88 -32.57 -3.64
CA THR A 256 -14.23 -32.07 -3.74
C THR A 256 -14.66 -31.72 -5.20
N ASP A 257 -15.75 -32.35 -5.63
CA ASP A 257 -16.45 -31.98 -6.84
C ASP A 257 -17.44 -30.86 -6.58
N ILE A 258 -17.10 -29.64 -6.96
CA ILE A 258 -17.97 -28.51 -6.69
C ILE A 258 -19.21 -28.47 -7.60
N VAL A 259 -19.16 -29.21 -8.71
CA VAL A 259 -20.33 -29.31 -9.60
C VAL A 259 -21.44 -30.23 -9.07
N ASN A 260 -21.07 -31.30 -8.37
CA ASN A 260 -22.06 -32.24 -7.89
C ASN A 260 -22.14 -32.34 -6.37
N SER A 261 -21.21 -31.64 -5.70
CA SER A 261 -21.07 -31.61 -4.24
C SER A 261 -20.75 -32.98 -3.65
N ASN A 262 -19.61 -33.51 -4.05
CA ASN A 262 -19.12 -34.71 -3.43
C ASN A 262 -17.64 -34.59 -3.22
N SER A 263 -17.11 -35.41 -2.31
CA SER A 263 -15.67 -35.53 -2.16
C SER A 263 -15.20 -36.99 -2.10
N GLU A 264 -13.99 -37.18 -2.61
CA GLU A 264 -13.23 -38.39 -2.38
C GLU A 264 -12.17 -38.11 -1.31
N ILE A 265 -12.08 -39.00 -0.33
CA ILE A 265 -11.11 -38.88 0.76
C ILE A 265 -9.92 -39.80 0.48
N LEU A 266 -8.72 -39.23 0.59
CA LEU A 266 -7.48 -39.99 0.43
C LEU A 266 -6.64 -39.73 1.67
N ALA A 267 -6.35 -40.80 2.42
CA ALA A 267 -5.78 -40.70 3.76
C ALA A 267 -4.71 -41.75 4.02
N LEU A 268 -3.60 -41.35 4.64
CA LEU A 268 -2.63 -42.32 5.16
C LEU A 268 -2.10 -41.84 6.51
N GLY A 269 -1.53 -42.73 7.29
CA GLY A 269 -1.02 -42.35 8.60
C GLY A 269 -1.15 -43.46 9.60
N SER A 270 -0.91 -43.15 10.87
CA SER A 270 -0.85 -44.21 11.85
C SER A 270 -2.26 -44.52 12.37
N ASN A 271 -3.17 -43.55 12.22
CA ASN A 271 -4.50 -43.62 12.82
C ASN A 271 -5.64 -43.91 11.84
N MET A 272 -5.40 -44.80 10.89
CA MET A 272 -6.44 -45.04 9.88
C MET A 272 -7.83 -45.41 10.46
N ALA A 273 -7.83 -46.25 11.48
CA ALA A 273 -9.09 -46.63 12.14
C ALA A 273 -9.84 -45.42 12.66
N LYS A 274 -9.12 -44.47 13.27
CA LYS A 274 -9.74 -43.23 13.78
C LYS A 274 -10.43 -42.46 12.65
N VAL A 275 -9.83 -42.51 11.46
CA VAL A 275 -10.42 -41.89 10.26
C VAL A 275 -11.72 -42.59 9.84
N GLU A 276 -11.64 -43.89 9.58
CA GLU A 276 -12.79 -44.66 9.06
C GLU A 276 -14.01 -44.51 9.96
N ALA A 277 -13.75 -44.55 11.26
CA ALA A 277 -14.71 -44.30 12.32
C ALA A 277 -15.48 -42.98 12.15
N ALA A 278 -14.75 -41.91 11.88
CA ALA A 278 -15.33 -40.58 11.64
C ALA A 278 -16.17 -40.50 10.36
N PHE A 279 -16.02 -41.48 9.46
CA PHE A 279 -16.72 -41.39 8.19
C PHE A 279 -17.60 -42.59 7.84
N GLU A 280 -17.70 -43.57 8.74
CA GLU A 280 -18.44 -44.81 8.45
C GLU A 280 -18.12 -45.26 7.02
N PHE A 281 -16.83 -45.39 6.69
CA PHE A 281 -16.46 -45.93 5.37
C PHE A 281 -15.22 -46.86 5.37
N THR A 282 -14.89 -47.43 4.20
CA THR A 282 -13.70 -48.30 4.07
C THR A 282 -12.68 -47.81 3.03
N LEU A 283 -11.48 -47.47 3.47
CA LEU A 283 -10.44 -47.12 2.50
C LEU A 283 -10.06 -48.32 1.61
N GLU A 284 -10.53 -48.33 0.36
CA GLU A 284 -10.02 -49.25 -0.65
C GLU A 284 -8.86 -48.57 -1.34
N ASN A 285 -7.66 -49.02 -1.01
CA ASN A 285 -6.42 -48.54 -1.62
C ASN A 285 -6.10 -47.11 -1.20
N ASN A 286 -6.32 -46.85 0.08
CA ASN A 286 -6.11 -45.53 0.73
C ASN A 286 -7.21 -44.49 0.52
N HIS A 287 -8.31 -44.83 -0.15
CA HIS A 287 -9.32 -43.80 -0.39
C HIS A 287 -10.76 -44.30 -0.36
N ALA A 288 -11.73 -43.39 -0.23
CA ALA A 288 -13.15 -43.77 -0.33
C ALA A 288 -14.05 -42.58 -0.70
N PHE A 289 -15.25 -42.89 -1.19
CA PHE A 289 -16.17 -41.87 -1.58
C PHE A 289 -17.02 -41.43 -0.40
N LEU A 290 -17.32 -40.14 -0.35
CA LEU A 290 -18.14 -39.55 0.71
C LEU A 290 -19.19 -38.67 0.05
N ALA A 291 -20.43 -39.16 -0.03
CA ALA A 291 -21.46 -38.48 -0.84
C ALA A 291 -22.04 -37.25 -0.17
N GLY A 292 -21.96 -36.11 -0.87
CA GLY A 292 -22.57 -34.84 -0.44
C GLY A 292 -21.76 -33.94 0.48
N ALA A 293 -20.47 -34.21 0.61
CA ALA A 293 -19.62 -33.46 1.52
C ALA A 293 -18.85 -32.38 0.77
N VAL A 294 -18.94 -31.13 1.21
CA VAL A 294 -18.01 -30.11 0.70
C VAL A 294 -17.29 -29.30 1.79
N SER A 295 -17.71 -29.43 3.05
CA SER A 295 -17.20 -28.59 4.14
C SER A 295 -16.24 -29.29 5.10
N ARG A 296 -14.98 -28.84 5.08
CA ARG A 296 -13.99 -29.31 6.05
C ARG A 296 -14.46 -28.95 7.45
N LYS A 297 -15.01 -27.75 7.60
CA LYS A 297 -15.35 -27.24 8.93
C LYS A 297 -16.61 -27.85 9.53
N LYS A 298 -17.50 -28.39 8.70
CA LYS A 298 -18.74 -28.94 9.23
C LYS A 298 -18.89 -30.45 9.06
N GLN A 299 -18.08 -31.06 8.21
CA GLN A 299 -18.27 -32.48 7.85
C GLN A 299 -17.02 -33.33 8.03
N VAL A 300 -15.94 -32.67 8.44
CA VAL A 300 -14.64 -33.33 8.60
C VAL A 300 -14.08 -33.10 9.99
N VAL A 301 -13.86 -31.84 10.32
CA VAL A 301 -13.29 -31.45 11.62
C VAL A 301 -14.07 -32.02 12.83
N PRO A 302 -15.40 -31.71 12.93
CA PRO A 302 -16.15 -32.27 14.09
C PRO A 302 -16.04 -33.80 14.24
N GLN A 303 -15.91 -34.52 13.13
CA GLN A 303 -16.04 -35.96 13.14
C GLN A 303 -14.76 -36.54 13.62
N LEU A 304 -13.65 -35.97 13.17
CA LEU A 304 -12.33 -36.38 13.60
C LEU A 304 -12.16 -36.00 15.06
N THR A 305 -12.53 -34.76 15.36
CA THR A 305 -12.52 -34.23 16.74
C THR A 305 -13.24 -35.19 17.70
N GLU A 306 -14.11 -36.02 17.17
CA GLU A 306 -14.87 -36.96 18.00
C GLU A 306 -14.27 -38.36 18.02
N SER A 307 -13.92 -38.94 16.88
CA SER A 307 -13.43 -40.32 16.88
C SER A 307 -12.00 -40.44 17.38
N TYR A 308 -11.28 -39.31 17.45
CA TYR A 308 -9.92 -39.26 18.00
C TYR A 308 -9.92 -39.14 19.52
N ASN A 309 -11.11 -38.87 20.06
CA ASN A 309 -11.30 -38.70 21.49
C ASN A 309 -11.98 -39.94 22.06
N ALA A 310 -12.84 -40.53 21.21
CA ALA A 310 -13.66 -41.71 21.54
C ALA A 310 -12.80 -42.99 21.60
N SER B 1 8.36 -5.39 -15.56
CA SER B 1 7.65 -5.49 -14.27
C SER B 1 7.30 -4.09 -13.73
N LYS B 2 6.20 -4.00 -12.97
CA LYS B 2 5.64 -2.74 -12.45
C LYS B 2 6.68 -1.76 -11.80
N ILE B 3 6.60 -0.49 -12.18
CA ILE B 3 7.48 0.57 -11.64
C ILE B 3 6.68 1.84 -11.36
N LEU B 4 6.83 2.36 -10.14
CA LEU B 4 6.16 3.58 -9.71
C LEU B 4 7.08 4.75 -9.87
N VAL B 5 6.56 5.85 -10.41
CA VAL B 5 7.36 7.07 -10.62
C VAL B 5 6.75 8.23 -9.85
N PHE B 6 7.53 8.87 -8.98
CA PHE B 6 6.95 9.91 -8.17
C PHE B 6 7.97 10.96 -7.77
N GLY B 7 7.45 12.14 -7.41
CA GLY B 7 8.23 13.25 -6.86
C GLY B 7 8.21 13.14 -5.36
N HIS B 8 8.53 14.22 -4.66
CA HIS B 8 8.60 14.21 -3.19
C HIS B 8 7.28 14.35 -2.46
N GLN B 9 7.36 14.40 -1.13
CA GLN B 9 6.23 14.68 -0.27
C GLN B 9 6.04 16.17 -0.22
N ASN B 10 4.78 16.60 -0.05
CA ASN B 10 4.37 17.98 -0.30
C ASN B 10 4.87 18.34 -1.69
N PRO B 11 4.27 17.73 -2.71
CA PRO B 11 4.68 17.92 -4.09
C PRO B 11 4.39 19.34 -4.62
N ASP B 12 5.30 19.84 -5.45
CA ASP B 12 5.21 21.14 -6.05
C ASP B 12 4.98 20.81 -7.50
N SER B 13 4.91 21.82 -8.36
CA SER B 13 4.61 21.61 -9.77
C SER B 13 5.70 20.82 -10.48
N ASP B 14 6.95 21.13 -10.14
CA ASP B 14 8.10 20.49 -10.74
C ASP B 14 8.03 19.00 -10.43
N ALA B 15 7.76 18.66 -9.17
CA ALA B 15 7.68 17.27 -8.76
C ALA B 15 6.53 16.50 -9.40
N ILE B 16 5.39 17.15 -9.61
CA ILE B 16 4.36 16.51 -10.42
C ILE B 16 4.77 16.51 -11.88
N GLY B 17 5.03 17.69 -12.46
CA GLY B 17 5.33 17.80 -13.89
C GLY B 17 6.31 16.73 -14.35
N SER B 18 7.54 16.86 -13.84
CA SER B 18 8.66 15.96 -14.15
C SER B 18 8.34 14.46 -14.10
N SER B 19 7.53 14.03 -13.14
CA SER B 19 7.30 12.60 -12.94
C SER B 19 6.25 12.01 -13.89
N VAL B 20 5.11 12.69 -14.04
CA VAL B 20 4.14 12.32 -15.06
C VAL B 20 4.77 12.28 -16.48
N ALA B 21 5.55 13.30 -16.81
CA ALA B 21 6.28 13.38 -18.08
C ALA B 21 7.25 12.22 -18.27
N PHE B 22 7.89 11.82 -17.18
CA PHE B 22 8.91 10.78 -17.24
C PHE B 22 8.30 9.37 -17.35
N ALA B 23 7.17 9.15 -16.67
CA ALA B 23 6.44 7.89 -16.73
C ALA B 23 6.00 7.58 -18.18
N TYR B 24 5.65 8.64 -18.90
CA TYR B 24 5.30 8.53 -20.31
C TYR B 24 6.56 8.24 -21.09
N LEU B 25 7.65 8.95 -20.78
CA LEU B 25 8.90 8.79 -21.52
C LEU B 25 9.46 7.39 -21.37
N ALA B 26 9.54 6.91 -20.13
CA ALA B 26 10.17 5.62 -19.83
C ALA B 26 9.44 4.46 -20.52
N LYS B 27 8.17 4.69 -20.81
CA LYS B 27 7.30 3.67 -21.37
C LYS B 27 7.49 3.64 -22.88
N GLU B 28 7.71 4.81 -23.46
CA GLU B 28 7.81 4.95 -24.91
C GLU B 28 9.23 4.73 -25.46
N ALA B 29 10.26 4.95 -24.63
CA ALA B 29 11.63 4.83 -25.12
C ALA B 29 12.27 3.52 -24.72
N TRP B 30 12.11 3.15 -23.45
CA TRP B 30 12.73 1.96 -22.86
C TRP B 30 11.68 0.89 -22.77
N GLY B 31 10.47 1.22 -23.22
CA GLY B 31 9.34 0.31 -23.11
C GLY B 31 9.21 -0.35 -21.75
N LEU B 32 9.44 0.41 -20.68
CA LEU B 32 9.22 -0.05 -19.31
C LEU B 32 7.76 0.18 -18.89
N ASP B 33 7.29 -0.68 -17.99
CA ASP B 33 5.93 -0.56 -17.46
C ASP B 33 5.86 0.42 -16.24
N THR B 34 5.47 1.65 -16.53
CA THR B 34 5.54 2.75 -15.55
C THR B 34 4.24 3.48 -15.33
N GLU B 35 3.78 3.46 -14.07
CA GLU B 35 2.71 4.34 -13.61
C GLU B 35 3.23 5.54 -12.79
N ALA B 36 2.72 6.72 -13.11
CA ALA B 36 3.03 7.95 -12.38
C ALA B 36 2.09 8.07 -11.20
N VAL B 37 2.65 8.38 -10.05
CA VAL B 37 1.86 8.57 -8.84
C VAL B 37 2.42 9.75 -8.02
N ALA B 38 1.75 10.09 -6.93
CA ALA B 38 2.11 11.23 -6.09
C ALA B 38 1.94 10.90 -4.61
N LEU B 39 2.70 11.58 -3.74
CA LEU B 39 2.65 11.36 -2.28
C LEU B 39 1.67 12.27 -1.51
N GLY B 40 1.01 13.17 -2.23
CA GLY B 40 0.02 14.06 -1.65
C GLY B 40 -0.85 14.75 -2.69
N THR B 41 -1.64 15.69 -2.22
CA THR B 41 -2.58 16.38 -3.06
C THR B 41 -1.93 17.58 -3.73
N PRO B 42 -2.22 17.81 -5.01
CA PRO B 42 -1.54 18.96 -5.65
C PRO B 42 -1.84 20.27 -4.92
N ASN B 43 -0.85 21.15 -4.83
CA ASN B 43 -1.07 22.40 -4.09
C ASN B 43 -1.86 23.39 -4.96
N GLU B 44 -2.34 24.48 -4.37
CA GLU B 44 -3.19 25.42 -5.11
C GLU B 44 -2.67 25.73 -6.53
N GLU B 45 -1.47 26.31 -6.61
CA GLU B 45 -0.81 26.62 -7.88
C GLU B 45 -0.93 25.49 -8.92
N THR B 46 -0.53 24.29 -8.53
CA THR B 46 -0.52 23.11 -9.40
C THR B 46 -1.94 22.72 -9.89
N ALA B 47 -2.96 23.06 -9.10
CA ALA B 47 -4.32 22.73 -9.48
C ALA B 47 -4.72 23.55 -10.71
N TYR B 48 -4.54 24.87 -10.64
CA TYR B 48 -4.73 25.76 -11.80
C TYR B 48 -3.96 25.24 -13.01
N VAL B 49 -2.71 24.80 -12.77
CA VAL B 49 -1.85 24.21 -13.80
C VAL B 49 -2.54 23.00 -14.45
N LEU B 50 -2.89 22.00 -13.63
CA LEU B 50 -3.55 20.80 -14.15
C LEU B 50 -4.84 21.20 -14.88
N ASP B 51 -5.50 22.23 -14.36
CA ASP B 51 -6.73 22.70 -14.96
C ASP B 51 -6.48 23.28 -16.34
N TYR B 52 -5.54 24.21 -16.42
CA TYR B 52 -5.23 24.82 -17.70
C TYR B 52 -4.98 23.81 -18.81
N PHE B 53 -4.41 22.66 -18.48
CA PHE B 53 -4.01 21.70 -19.53
C PHE B 53 -4.86 20.43 -19.66
N GLY B 54 -6.02 20.42 -19.01
CA GLY B 54 -6.99 19.33 -19.10
C GLY B 54 -6.44 18.02 -18.55
N VAL B 55 -5.66 18.09 -17.45
CA VAL B 55 -4.96 16.93 -16.85
C VAL B 55 -5.42 16.60 -15.42
N GLN B 56 -5.52 15.31 -15.15
CA GLN B 56 -5.87 14.85 -13.82
C GLN B 56 -4.63 14.73 -12.92
N ALA B 57 -4.78 15.07 -11.64
CA ALA B 57 -3.73 14.83 -10.67
C ALA B 57 -3.52 13.31 -10.49
N PRO B 58 -2.25 12.86 -10.45
CA PRO B 58 -1.95 11.42 -10.29
C PRO B 58 -2.33 10.87 -8.89
N ARG B 59 -2.94 9.68 -8.84
CA ARG B 59 -3.48 9.13 -7.58
C ARG B 59 -2.49 9.03 -6.43
N VAL B 60 -2.94 9.43 -5.23
CA VAL B 60 -2.09 9.50 -4.06
C VAL B 60 -1.93 8.10 -3.44
N VAL B 61 -0.71 7.82 -2.95
CA VAL B 61 -0.29 6.48 -2.49
C VAL B 61 0.45 6.58 -1.15
N GLU B 62 0.52 5.48 -0.42
CA GLU B 62 1.11 5.46 0.93
C GLU B 62 2.50 4.84 0.93
N SER B 63 2.52 3.63 0.38
CA SER B 63 3.56 2.70 0.57
C SER B 63 3.73 1.92 -0.73
N ALA B 64 4.97 1.68 -1.10
CA ALA B 64 5.28 1.00 -2.36
C ALA B 64 4.91 -0.49 -2.31
N LYS B 65 5.04 -1.09 -1.13
CA LYS B 65 4.59 -2.46 -0.91
C LYS B 65 3.08 -2.55 -0.91
N ALA B 66 2.41 -1.77 -0.05
CA ALA B 66 0.97 -1.62 -0.12
C ALA B 66 0.43 -1.73 -1.55
N GLU B 67 1.24 -1.25 -2.51
CA GLU B 67 0.83 -1.13 -3.93
C GLU B 67 1.33 -2.26 -4.84
N GLY B 68 2.02 -3.22 -4.23
CA GLY B 68 2.52 -4.40 -4.92
C GLY B 68 3.68 -4.14 -5.85
N VAL B 69 4.45 -3.08 -5.61
CA VAL B 69 5.63 -2.80 -6.45
C VAL B 69 6.96 -2.92 -5.67
N GLU B 70 8.03 -3.29 -6.36
CA GLU B 70 9.33 -3.57 -5.73
C GLU B 70 10.41 -2.55 -6.18
N THR B 71 10.10 -1.82 -7.25
CA THR B 71 11.06 -1.00 -8.02
C THR B 71 10.48 0.38 -8.33
N VAL B 72 11.24 1.42 -8.05
CA VAL B 72 10.74 2.78 -8.17
C VAL B 72 11.67 3.71 -8.97
N ILE B 73 11.11 4.80 -9.49
CA ILE B 73 11.96 5.86 -10.03
C ILE B 73 11.61 7.21 -9.39
N LEU B 74 12.62 7.87 -8.82
CA LEU B 74 12.43 9.15 -8.14
C LEU B 74 12.76 10.36 -9.00
N THR B 75 11.92 11.39 -8.95
CA THR B 75 12.24 12.67 -9.56
C THR B 75 12.10 13.81 -8.55
N ASP B 76 12.90 14.87 -8.76
CA ASP B 76 12.95 16.08 -7.95
C ASP B 76 13.44 15.85 -6.52
N HIS B 77 13.99 14.67 -6.24
CA HIS B 77 14.44 14.35 -4.87
C HIS B 77 15.21 13.03 -4.81
N ASN B 78 15.99 12.85 -3.74
CA ASN B 78 16.79 11.64 -3.51
C ASN B 78 16.91 11.24 -2.05
N GLU B 79 16.75 12.21 -1.15
CA GLU B 79 16.84 11.95 0.28
C GLU B 79 15.67 11.08 0.71
N PHE B 80 15.98 9.98 1.40
CA PHE B 80 15.04 8.92 1.77
C PHE B 80 13.85 9.37 2.62
N GLN B 81 14.07 10.43 3.39
CA GLN B 81 13.06 10.97 4.30
C GLN B 81 12.23 12.08 3.65
N GLN B 82 12.28 12.16 2.32
CA GLN B 82 11.43 13.05 1.54
C GLN B 82 10.59 12.21 0.59
N SER B 83 10.93 10.92 0.51
CA SER B 83 10.37 9.98 -0.46
C SER B 83 9.26 9.13 0.15
N ILE B 84 8.90 8.06 -0.54
CA ILE B 84 7.81 7.19 -0.12
C ILE B 84 8.12 6.49 1.21
N SER B 85 7.07 6.08 1.91
CA SER B 85 7.20 5.55 3.26
C SER B 85 8.20 4.41 3.36
N ASP B 86 8.14 3.46 2.44
CA ASP B 86 8.97 2.26 2.53
C ASP B 86 10.15 2.27 1.55
N ILE B 87 10.75 3.44 1.35
CA ILE B 87 11.86 3.61 0.40
C ILE B 87 13.04 2.66 0.66
N LYS B 88 13.39 2.44 1.93
CA LYS B 88 14.53 1.59 2.28
C LYS B 88 14.32 0.12 1.88
N ASP B 89 13.12 -0.20 1.42
CA ASP B 89 12.78 -1.60 1.14
C ASP B 89 12.65 -1.91 -0.32
N VAL B 90 12.80 -0.91 -1.17
CA VAL B 90 12.59 -1.12 -2.59
C VAL B 90 13.91 -0.93 -3.35
N THR B 91 13.87 -1.18 -4.66
CA THR B 91 15.02 -0.94 -5.53
C THR B 91 14.80 0.40 -6.26
N VAL B 92 15.80 1.26 -6.17
CA VAL B 92 15.78 2.50 -6.92
C VAL B 92 16.43 2.26 -8.27
N TYR B 93 15.59 2.05 -9.29
CA TYR B 93 16.05 1.85 -10.66
C TYR B 93 16.65 3.13 -11.26
N GLY B 94 16.14 4.29 -10.83
CA GLY B 94 16.51 5.59 -11.38
C GLY B 94 16.17 6.81 -10.53
N VAL B 95 16.92 7.88 -10.80
CA VAL B 95 16.66 9.20 -10.22
C VAL B 95 16.89 10.25 -11.28
N VAL B 96 16.03 11.26 -11.31
CA VAL B 96 16.29 12.44 -12.11
C VAL B 96 16.04 13.65 -11.22
N ASP B 97 17.08 14.44 -10.98
CA ASP B 97 17.00 15.49 -9.95
C ASP B 97 17.89 16.69 -10.24
N HIS B 98 17.61 17.80 -9.52
CA HIS B 98 18.46 19.00 -9.48
C HIS B 98 18.74 19.48 -8.05
N HIS B 99 18.96 18.56 -7.12
CA HIS B 99 19.15 18.90 -5.69
C HIS B 99 20.53 18.53 -5.15
N ARG B 100 20.71 18.61 -3.84
CA ARG B 100 21.93 18.06 -3.26
C ARG B 100 21.68 16.61 -2.89
N VAL B 101 22.77 15.85 -2.81
CA VAL B 101 22.72 14.43 -2.43
C VAL B 101 23.12 14.24 -0.98
N ALA B 102 22.41 13.32 -0.35
CA ALA B 102 22.43 13.08 1.08
C ALA B 102 21.37 12.02 1.39
N ASN B 103 21.68 11.17 2.36
CA ASN B 103 20.76 10.16 2.84
C ASN B 103 20.28 9.23 1.73
N PHE B 104 21.11 9.06 0.70
CA PHE B 104 20.81 8.18 -0.44
C PHE B 104 21.83 7.03 -0.62
N GLU B 105 21.33 5.80 -0.71
CA GLU B 105 22.17 4.64 -0.97
C GLU B 105 21.42 3.47 -1.62
N THR B 106 22.13 2.76 -2.49
CA THR B 106 21.58 1.65 -3.25
C THR B 106 22.44 0.38 -3.10
N ALA B 107 21.80 -0.79 -3.17
CA ALA B 107 22.55 -2.05 -3.16
C ALA B 107 23.11 -2.38 -4.53
N ASN B 108 22.62 -1.67 -5.54
CA ASN B 108 22.94 -1.94 -6.94
C ASN B 108 23.30 -0.67 -7.75
N PRO B 109 23.98 -0.85 -8.91
CA PRO B 109 24.02 0.19 -9.92
C PRO B 109 22.62 0.64 -10.35
N LEU B 110 22.54 1.84 -10.92
CA LEU B 110 21.26 2.47 -11.27
C LEU B 110 21.51 3.65 -12.17
N TYR B 111 20.49 4.05 -12.91
CA TYR B 111 20.56 5.31 -13.64
C TYR B 111 20.42 6.47 -12.67
N MET B 112 21.22 7.52 -12.88
CA MET B 112 21.07 8.78 -12.16
C MET B 112 21.36 9.94 -13.10
N ARG B 113 20.37 10.78 -13.33
CA ARG B 113 20.52 11.94 -14.18
C ARG B 113 20.24 13.14 -13.31
N LEU B 114 21.29 13.91 -13.05
CA LEU B 114 21.24 15.05 -12.14
C LEU B 114 22.06 16.19 -12.72
N GLU B 115 21.44 17.35 -12.80
CA GLU B 115 22.12 18.51 -13.30
C GLU B 115 21.71 19.70 -12.47
N PRO B 116 22.67 20.56 -12.08
CA PRO B 116 22.36 21.75 -11.29
C PRO B 116 21.77 22.78 -12.22
N VAL B 117 20.47 22.65 -12.46
CA VAL B 117 19.73 23.53 -13.35
C VAL B 117 18.47 23.96 -12.62
N GLY B 118 17.68 24.82 -13.25
CA GLY B 118 16.50 25.43 -12.62
C GLY B 118 15.39 24.48 -12.21
N SER B 119 15.24 23.35 -12.89
CA SER B 119 14.19 22.39 -12.56
C SER B 119 14.39 21.01 -13.15
N ALA B 120 13.75 20.01 -12.58
CA ALA B 120 13.90 18.64 -13.02
C ALA B 120 13.12 18.44 -14.31
N SER B 121 12.04 19.22 -14.46
CA SER B 121 11.34 19.37 -15.73
C SER B 121 12.26 19.76 -16.89
N SER B 122 13.20 20.68 -16.64
CA SER B 122 14.18 21.05 -17.64
C SER B 122 15.03 19.88 -18.09
N ILE B 123 15.31 18.94 -17.18
CA ILE B 123 16.09 17.77 -17.56
C ILE B 123 15.20 16.75 -18.30
N VAL B 124 14.04 16.44 -17.74
CA VAL B 124 13.12 15.52 -18.42
C VAL B 124 12.92 15.89 -19.91
N TYR B 125 12.73 17.17 -20.20
CA TYR B 125 12.50 17.60 -21.59
C TYR B 125 13.71 17.35 -22.48
N ARG B 126 14.89 17.75 -22.05
CA ARG B 126 16.09 17.48 -22.83
C ARG B 126 16.32 15.97 -23.07
N MET B 127 15.72 15.14 -22.22
CA MET B 127 15.77 13.69 -22.41
C MET B 127 14.74 13.17 -23.42
N PHE B 128 13.68 13.93 -23.66
CA PHE B 128 12.74 13.64 -24.73
C PHE B 128 13.44 13.85 -26.09
N LYS B 129 14.11 15.00 -26.24
CA LYS B 129 14.85 15.31 -27.44
C LYS B 129 15.89 14.24 -27.73
N GLU B 130 16.78 14.02 -26.76
CA GLU B 130 17.76 12.93 -26.78
C GLU B 130 17.27 11.58 -27.27
N ASN B 131 16.01 11.26 -27.04
CA ASN B 131 15.47 9.98 -27.46
C ASN B 131 14.60 10.05 -28.69
N GLY B 132 14.42 11.27 -29.20
CA GLY B 132 13.61 11.50 -30.39
C GLY B 132 12.13 11.28 -30.16
N VAL B 133 11.71 11.16 -28.90
CA VAL B 133 10.28 11.16 -28.54
C VAL B 133 9.66 12.58 -28.57
N SER B 134 8.65 12.74 -29.41
CA SER B 134 7.85 13.96 -29.46
C SER B 134 7.17 14.19 -28.12
N VAL B 135 6.97 15.46 -27.80
CA VAL B 135 6.35 15.88 -26.54
C VAL B 135 4.85 16.21 -26.74
N PRO B 136 3.94 15.41 -26.15
CA PRO B 136 2.54 15.80 -26.23
C PRO B 136 2.35 17.24 -25.73
N LYS B 137 1.32 17.90 -26.24
CA LYS B 137 0.99 19.28 -25.84
C LYS B 137 0.78 19.37 -24.31
N GLU B 138 -0.04 18.46 -23.77
CA GLU B 138 -0.39 18.49 -22.34
C GLU B 138 0.85 18.32 -21.46
N LEU B 139 1.69 17.33 -21.79
CA LEU B 139 2.94 17.12 -21.08
C LEU B 139 3.89 18.34 -21.19
N ALA B 140 4.04 18.92 -22.38
CA ALA B 140 4.84 20.12 -22.53
C ALA B 140 4.36 21.28 -21.63
N GLY B 141 3.07 21.29 -21.30
CA GLY B 141 2.50 22.27 -20.37
C GLY B 141 2.87 22.01 -18.90
N LEU B 142 2.70 20.75 -18.47
CA LEU B 142 3.12 20.34 -17.14
C LEU B 142 4.61 20.60 -16.92
N LEU B 143 5.41 20.29 -17.94
CA LEU B 143 6.85 20.51 -17.89
C LEU B 143 7.21 21.98 -17.73
N LEU B 144 6.73 22.81 -18.62
CA LEU B 144 6.92 24.26 -18.52
C LEU B 144 6.59 24.74 -17.11
N SER B 145 5.34 24.59 -16.69
CA SER B 145 4.89 24.98 -15.34
C SER B 145 5.90 24.66 -14.20
N GLY B 146 6.40 23.43 -14.19
CA GLY B 146 7.41 23.04 -13.25
C GLY B 146 8.65 23.91 -13.29
N LEU B 147 9.05 24.33 -14.49
CA LEU B 147 10.24 25.18 -14.61
C LEU B 147 9.95 26.59 -14.12
N ILE B 148 8.75 27.08 -14.45
CA ILE B 148 8.30 28.42 -14.00
C ILE B 148 8.16 28.46 -12.48
N SER B 149 7.67 27.38 -11.90
CA SER B 149 7.46 27.32 -10.47
C SER B 149 8.78 27.35 -9.73
N ASP B 150 9.72 26.56 -10.18
CA ASP B 150 11.00 26.46 -9.48
C ASP B 150 11.86 27.71 -9.68
N THR B 151 11.58 28.53 -10.68
CA THR B 151 12.43 29.68 -10.96
C THR B 151 11.75 31.04 -10.74
N LEU B 152 10.45 31.01 -10.45
CA LEU B 152 9.64 32.24 -10.37
C LEU B 152 9.79 32.95 -11.71
N LEU B 153 9.22 32.31 -12.74
CA LEU B 153 9.33 32.72 -14.13
C LEU B 153 10.74 33.22 -14.44
N LEU B 154 11.70 32.34 -14.26
CA LEU B 154 13.04 32.54 -14.82
C LEU B 154 13.96 33.59 -14.19
N LYS B 155 13.73 33.97 -12.93
CA LYS B 155 14.54 35.03 -12.31
C LYS B 155 15.14 34.70 -10.95
N SER B 156 15.10 33.42 -10.58
CA SER B 156 15.68 32.94 -9.35
C SER B 156 17.11 32.61 -9.68
N PRO B 157 18.05 32.77 -8.72
CA PRO B 157 19.44 32.56 -9.08
C PRO B 157 19.74 31.11 -9.37
N THR B 158 18.77 30.23 -9.15
CA THR B 158 18.93 28.82 -9.51
C THR B 158 18.80 28.65 -11.02
N THR B 159 18.23 29.67 -11.67
CA THR B 159 18.03 29.74 -13.12
C THR B 159 19.36 29.47 -13.86
N HIS B 160 19.37 28.48 -14.76
CA HIS B 160 20.59 28.16 -15.56
C HIS B 160 20.43 28.57 -17.03
N ALA B 161 21.53 29.04 -17.63
CA ALA B 161 21.47 29.54 -19.00
C ALA B 161 20.62 28.60 -19.86
N SER B 162 20.99 27.32 -19.84
CA SER B 162 20.30 26.27 -20.61
C SER B 162 18.77 26.30 -20.52
N ASP B 163 18.24 26.76 -19.38
CA ASP B 163 16.78 26.90 -19.16
C ASP B 163 16.08 27.94 -20.08
N ILE B 164 16.81 28.97 -20.52
CA ILE B 164 16.24 30.00 -21.41
C ILE B 164 15.63 29.42 -22.71
N PRO B 165 16.40 28.69 -23.53
CA PRO B 165 15.75 28.00 -24.63
C PRO B 165 14.71 26.93 -24.23
N VAL B 166 14.97 26.19 -23.15
CA VAL B 166 14.00 25.16 -22.72
C VAL B 166 12.66 25.83 -22.54
N ALA B 167 12.69 27.03 -21.95
CA ALA B 167 11.49 27.81 -21.67
C ALA B 167 10.80 28.16 -22.99
N LYS B 168 11.56 28.77 -23.90
CA LYS B 168 11.08 29.12 -25.20
C LYS B 168 10.45 27.92 -25.88
N GLU B 169 11.17 26.80 -25.91
CA GLU B 169 10.75 25.63 -26.68
C GLU B 169 9.49 24.95 -26.12
N LEU B 170 9.41 24.90 -24.78
CA LEU B 170 8.26 24.33 -24.09
C LEU B 170 7.01 25.18 -24.28
N ALA B 171 7.18 26.50 -24.12
CA ALA B 171 6.14 27.49 -24.38
C ALA B 171 5.45 27.22 -25.69
N GLU B 172 6.27 27.02 -26.73
CA GLU B 172 5.78 26.72 -28.05
C GLU B 172 4.92 25.47 -28.10
N LEU B 173 5.43 24.36 -27.59
CA LEU B 173 4.69 23.12 -27.69
C LEU B 173 3.39 23.17 -26.85
N ALA B 174 3.31 24.13 -25.93
CA ALA B 174 2.12 24.29 -25.07
C ALA B 174 1.08 25.21 -25.69
N GLY B 175 1.55 26.25 -26.39
CA GLY B 175 0.67 27.30 -26.89
C GLY B 175 0.21 28.14 -25.73
N VAL B 176 1.15 28.83 -25.10
CA VAL B 176 0.87 29.79 -24.06
C VAL B 176 1.94 30.86 -24.23
N ASN B 177 1.68 32.10 -23.83
CA ASN B 177 2.77 33.06 -23.67
C ASN B 177 3.47 32.82 -22.31
N LEU B 178 4.81 32.85 -22.34
CA LEU B 178 5.63 32.60 -21.14
C LEU B 178 5.41 33.64 -20.04
N GLU B 179 5.61 34.93 -20.37
CA GLU B 179 5.38 36.06 -19.45
C GLU B 179 3.97 36.09 -18.86
N GLU B 180 3.01 35.77 -19.72
CA GLU B 180 1.59 35.99 -19.51
C GLU B 180 1.00 34.85 -18.69
N TYR B 181 1.30 33.60 -19.09
CA TYR B 181 0.84 32.42 -18.34
C TYR B 181 1.66 32.27 -17.06
N GLY B 182 2.98 32.42 -17.17
CA GLY B 182 3.85 32.51 -16.01
C GLY B 182 3.25 33.28 -14.83
N LEU B 183 3.03 34.58 -15.05
CA LEU B 183 2.52 35.45 -13.97
C LEU B 183 1.18 34.98 -13.43
N GLU B 184 0.40 34.31 -14.26
CA GLU B 184 -0.95 33.89 -13.86
C GLU B 184 -0.93 32.67 -12.97
N MET B 185 0.12 31.87 -13.11
CA MET B 185 0.15 30.59 -12.39
C MET B 185 0.87 30.77 -11.07
N LEU B 186 2.00 31.49 -11.09
CA LEU B 186 2.66 31.94 -9.87
C LEU B 186 1.62 32.59 -9.00
N LYS B 187 0.82 33.46 -9.60
CA LYS B 187 -0.22 34.18 -8.88
C LYS B 187 -1.37 33.26 -8.39
N ALA B 188 -1.36 31.98 -8.73
CA ALA B 188 -2.34 31.03 -8.17
C ALA B 188 -1.76 30.38 -6.92
N GLY B 189 -0.55 30.82 -6.57
CA GLY B 189 0.20 30.28 -5.43
C GLY B 189 0.32 31.21 -4.24
N THR B 190 -0.18 32.45 -4.39
CA THR B 190 -0.07 33.43 -3.31
C THR B 190 -1.33 33.57 -2.47
N ASN B 191 -2.43 32.95 -2.91
CA ASN B 191 -3.74 32.93 -2.23
C ASN B 191 -3.63 32.34 -0.82
N LEU B 192 -3.36 33.19 0.17
CA LEU B 192 -2.93 32.66 1.49
C LEU B 192 -3.91 32.74 2.66
N SER B 193 -4.71 33.82 2.76
CA SER B 193 -5.66 33.88 3.89
C SER B 193 -6.72 32.75 3.92
N SER B 194 -7.05 32.15 2.79
CA SER B 194 -8.01 31.03 2.81
C SER B 194 -7.42 29.82 3.54
N LYS B 195 -6.17 29.96 4.00
CA LYS B 195 -5.39 28.84 4.58
C LYS B 195 -5.11 28.98 6.11
N THR B 196 -5.46 27.94 6.87
CA THR B 196 -5.24 27.92 8.33
C THR B 196 -3.75 27.95 8.67
N ALA B 197 -3.41 28.29 9.90
CA ALA B 197 -1.98 28.33 10.26
C ALA B 197 -1.32 26.96 10.14
N ALA B 198 -2.07 25.90 10.41
CA ALA B 198 -1.52 24.56 10.31
C ALA B 198 -1.27 24.24 8.82
N GLU B 199 -2.30 24.37 7.99
CA GLU B 199 -2.18 24.17 6.55
C GLU B 199 -1.01 24.95 5.95
N LEU B 200 -0.91 26.21 6.35
CA LEU B 200 0.07 27.16 5.89
C LEU B 200 1.43 26.52 5.85
N ILE B 201 1.94 26.10 7.01
CA ILE B 201 3.34 25.68 7.12
C ILE B 201 3.62 24.28 6.56
N ASP B 202 2.57 23.64 6.05
CA ASP B 202 2.72 22.32 5.45
C ASP B 202 2.37 22.27 3.94
N ILE B 203 2.46 23.41 3.29
CA ILE B 203 2.28 23.48 1.85
C ILE B 203 3.57 23.08 1.09
N ASP B 204 4.66 23.78 1.37
CA ASP B 204 5.93 23.51 0.71
C ASP B 204 7.02 23.36 1.76
N ALA B 205 7.04 22.19 2.40
CA ALA B 205 7.96 21.92 3.48
C ALA B 205 8.63 20.54 3.37
N LYS B 206 9.96 20.56 3.55
CA LYS B 206 10.84 19.38 3.44
C LYS B 206 11.70 19.26 4.71
N THR B 207 12.10 18.04 5.06
CA THR B 207 12.96 17.82 6.24
C THR B 207 14.40 17.37 5.93
N PHE B 208 15.36 17.92 6.65
CA PHE B 208 16.76 17.68 6.37
C PHE B 208 17.52 17.17 7.59
N GLU B 209 18.23 16.04 7.45
CA GLU B 209 19.04 15.48 8.53
C GLU B 209 20.45 16.10 8.59
N LEU B 210 20.69 16.93 9.62
CA LEU B 210 21.96 17.63 9.78
C LEU B 210 22.56 17.27 11.14
N ASN B 211 23.47 16.29 11.18
CA ASN B 211 23.99 15.76 12.46
C ASN B 211 22.85 15.25 13.36
N GLY B 212 22.00 14.39 12.79
CA GLY B 212 20.94 13.77 13.57
C GLY B 212 19.90 14.74 14.10
N GLU B 213 20.05 16.02 13.76
CA GLU B 213 19.01 17.00 14.04
C GLU B 213 18.03 16.97 12.86
N ALA B 214 16.81 16.50 13.05
CA ALA B 214 15.84 16.62 11.98
C ALA B 214 15.47 18.09 11.90
N VAL B 215 15.81 18.75 10.80
CA VAL B 215 15.50 20.16 10.63
C VAL B 215 14.48 20.35 9.50
N ARG B 216 13.25 20.74 9.88
CA ARG B 216 12.11 20.94 8.97
C ARG B 216 12.10 22.36 8.40
N VAL B 217 12.19 22.47 7.07
CA VAL B 217 12.31 23.75 6.38
C VAL B 217 11.15 23.97 5.43
N ALA B 218 10.36 25.00 5.70
CA ALA B 218 9.13 25.28 4.97
C ALA B 218 9.18 26.63 4.28
N GLN B 219 8.31 26.81 3.27
CA GLN B 219 8.31 28.03 2.45
C GLN B 219 6.93 28.44 2.00
N VAL B 220 6.71 29.76 2.00
CA VAL B 220 5.45 30.33 1.54
C VAL B 220 5.68 31.42 0.48
N ASN B 221 4.89 31.30 -0.57
CA ASN B 221 4.87 32.24 -1.66
C ASN B 221 3.85 33.36 -1.39
N THR B 222 4.38 34.59 -1.29
CA THR B 222 3.53 35.79 -1.11
C THR B 222 3.86 37.04 -1.95
N VAL B 223 2.88 37.95 -1.96
CA VAL B 223 3.01 39.31 -2.52
C VAL B 223 3.48 40.35 -1.49
N ASP B 224 2.99 40.21 -0.24
CA ASP B 224 3.37 41.08 0.87
C ASP B 224 3.74 40.32 2.14
N ILE B 225 5.00 40.41 2.54
CA ILE B 225 5.48 39.76 3.77
C ILE B 225 4.53 40.02 4.98
N ASN B 226 3.89 41.19 5.01
CA ASN B 226 3.17 41.59 6.22
C ASN B 226 1.82 40.97 6.49
N ASP B 227 1.07 40.63 5.44
CA ASP B 227 -0.20 39.89 5.62
C ASP B 227 0.11 38.63 6.41
N ILE B 228 1.28 38.04 6.11
CA ILE B 228 1.75 36.85 6.83
C ILE B 228 2.43 37.18 8.16
N LEU B 229 3.54 37.93 8.17
CA LEU B 229 4.10 38.45 9.43
C LEU B 229 3.05 38.88 10.47
N ALA B 230 1.95 39.47 10.02
CA ALA B 230 0.80 39.80 10.86
C ALA B 230 0.12 38.58 11.52
N ARG B 231 0.25 37.41 10.92
CA ARG B 231 -0.35 36.17 11.50
C ARG B 231 0.61 35.44 12.46
N GLN B 232 1.72 36.09 12.77
CA GLN B 232 2.80 35.52 13.59
C GLN B 232 2.28 34.72 14.75
N GLU B 233 1.49 35.37 15.61
CA GLU B 233 0.88 34.69 16.76
C GLU B 233 0.36 33.25 16.44
N GLU B 234 -0.73 33.16 15.69
CA GLU B 234 -1.32 31.85 15.44
C GLU B 234 -0.33 30.90 14.79
N ILE B 235 0.57 31.48 13.98
CA ILE B 235 1.55 30.71 13.21
C ILE B 235 2.64 30.08 14.10
N GLU B 236 3.30 30.88 14.94
CA GLU B 236 4.28 30.36 15.90
C GLU B 236 3.66 29.24 16.73
N VAL B 237 2.34 29.33 16.94
CA VAL B 237 1.62 28.35 17.72
C VAL B 237 1.53 27.04 16.92
N ALA B 238 1.11 27.14 15.66
CA ALA B 238 0.99 25.97 14.80
C ALA B 238 2.36 25.32 14.59
N ILE B 239 3.41 26.15 14.52
CA ILE B 239 4.80 25.71 14.40
C ILE B 239 5.21 24.88 15.59
N GLN B 240 5.10 25.46 16.78
CA GLN B 240 5.53 24.79 18.02
C GLN B 240 4.92 23.39 18.17
N GLU B 241 3.64 23.27 17.87
CA GLU B 241 2.93 22.01 17.87
C GLU B 241 3.62 21.00 16.94
N ALA B 242 4.15 21.51 15.83
CA ALA B 242 4.82 20.65 14.84
C ALA B 242 6.15 20.14 15.40
N ILE B 243 6.93 21.06 15.96
CA ILE B 243 8.17 20.72 16.67
C ILE B 243 7.97 19.67 17.78
N VAL B 244 6.88 19.78 18.54
CA VAL B 244 6.58 18.84 19.64
C VAL B 244 6.18 17.44 19.14
N THR B 245 5.16 17.42 18.29
CA THR B 245 4.52 16.20 17.82
C THR B 245 5.48 15.38 17.00
N GLU B 246 6.14 16.08 16.07
CA GLU B 246 6.85 15.46 14.96
C GLU B 246 8.31 15.20 15.27
N GLY B 247 8.82 15.89 16.26
CA GLY B 247 10.15 15.60 16.77
C GLY B 247 11.26 16.32 16.04
N TYR B 248 10.94 17.36 15.28
CA TYR B 248 11.96 18.24 14.73
C TYR B 248 12.73 18.87 15.86
N SER B 249 14.02 19.00 15.66
CA SER B 249 14.79 19.78 16.57
C SER B 249 14.54 21.27 16.28
N ASP B 250 14.42 21.63 14.99
CA ASP B 250 14.13 23.03 14.55
C ASP B 250 13.11 23.15 13.38
N PHE B 251 12.40 24.29 13.32
CA PHE B 251 11.53 24.66 12.19
C PHE B 251 11.92 26.02 11.61
N VAL B 252 12.21 26.06 10.32
CA VAL B 252 12.65 27.31 9.68
C VAL B 252 11.65 27.72 8.62
N LEU B 253 11.02 28.88 8.81
CA LEU B 253 9.99 29.32 7.88
C LEU B 253 10.44 30.47 6.99
N MET B 254 10.44 30.17 5.68
CA MET B 254 10.82 31.13 4.64
C MET B 254 9.59 31.84 4.10
N ILE B 255 9.51 33.15 4.33
CA ILE B 255 8.44 33.98 3.80
C ILE B 255 8.92 34.75 2.57
N THR B 256 8.59 34.19 1.41
CA THR B 256 9.04 34.71 0.11
C THR B 256 8.06 35.68 -0.59
N ASP B 257 8.56 36.89 -0.84
CA ASP B 257 7.87 37.81 -1.70
C ASP B 257 8.35 37.64 -3.17
N ILE B 258 7.51 36.95 -3.94
CA ILE B 258 7.80 36.47 -5.30
C ILE B 258 7.78 37.63 -6.29
N VAL B 259 7.50 38.83 -5.79
CA VAL B 259 7.54 40.03 -6.61
C VAL B 259 8.92 40.64 -6.45
N ASN B 260 9.43 40.67 -5.23
CA ASN B 260 10.61 41.49 -4.91
C ASN B 260 11.94 40.79 -4.75
N SER B 261 11.87 39.47 -4.55
CA SER B 261 13.03 38.60 -4.36
C SER B 261 13.67 38.88 -3.00
N ASN B 262 12.85 38.82 -1.95
CA ASN B 262 13.34 38.91 -0.58
C ASN B 262 12.55 37.94 0.30
N SER B 263 13.18 37.43 1.34
CA SER B 263 12.54 36.48 2.22
C SER B 263 12.74 36.85 3.68
N GLU B 264 11.67 36.64 4.45
CA GLU B 264 11.75 36.80 5.90
C GLU B 264 11.77 35.42 6.53
N ILE B 265 12.89 35.13 7.19
CA ILE B 265 13.09 33.88 7.89
C ILE B 265 12.51 33.99 9.30
N LEU B 266 11.74 32.99 9.70
CA LEU B 266 11.12 32.94 11.00
C LEU B 266 11.40 31.54 11.49
N ALA B 267 11.98 31.47 12.69
CA ALA B 267 12.51 30.19 13.19
C ALA B 267 12.33 29.97 14.70
N LEU B 268 12.14 28.71 15.06
CA LEU B 268 12.07 28.24 16.44
C LEU B 268 12.76 26.89 16.50
N GLY B 269 13.33 26.56 17.66
CA GLY B 269 14.03 25.29 17.80
C GLY B 269 14.94 25.31 18.99
N SER B 270 16.13 24.73 18.84
CA SER B 270 17.04 24.61 19.96
C SER B 270 18.45 24.89 19.50
N ASN B 271 18.62 25.01 18.18
CA ASN B 271 19.92 25.32 17.63
C ASN B 271 19.91 26.70 17.02
N MET B 272 19.07 27.59 17.57
CA MET B 272 18.83 28.88 16.94
C MET B 272 20.14 29.57 16.73
N ALA B 273 21.03 29.33 17.68
CA ALA B 273 22.46 29.62 17.56
C ALA B 273 23.05 29.44 16.14
N LYS B 274 22.97 28.22 15.62
CA LYS B 274 23.54 27.84 14.32
C LYS B 274 22.77 28.46 13.15
N VAL B 275 21.45 28.60 13.32
CA VAL B 275 20.60 29.20 12.29
C VAL B 275 21.04 30.66 12.05
N GLU B 276 21.25 31.42 13.13
CA GLU B 276 21.80 32.81 13.09
C GLU B 276 23.22 32.86 12.51
N ALA B 277 24.00 31.84 12.86
CA ALA B 277 25.35 31.66 12.37
C ALA B 277 25.35 31.48 10.84
N ALA B 278 24.53 30.52 10.37
CA ALA B 278 24.31 30.23 8.94
C ALA B 278 24.05 31.47 8.09
N PHE B 279 23.26 32.41 8.61
CA PHE B 279 22.83 33.55 7.79
C PHE B 279 23.56 34.86 8.10
N GLU B 280 24.26 34.92 9.23
CA GLU B 280 25.00 36.11 9.68
C GLU B 280 24.09 37.27 10.03
N PHE B 281 22.82 37.00 10.34
CA PHE B 281 21.93 38.02 10.87
C PHE B 281 21.58 37.72 12.36
N THR B 282 20.78 38.59 13.00
CA THR B 282 20.26 38.31 14.35
C THR B 282 18.74 38.14 14.38
N LEU B 283 18.23 37.34 15.31
CA LEU B 283 16.79 37.20 15.43
C LEU B 283 16.15 38.15 16.47
N GLU B 284 15.02 38.75 16.08
CA GLU B 284 14.20 39.64 16.92
C GLU B 284 12.74 39.16 16.92
N ASN B 285 12.13 39.02 18.10
CA ASN B 285 10.95 38.15 18.29
C ASN B 285 10.81 37.02 17.22
N ASN B 286 11.93 36.32 16.99
CA ASN B 286 11.98 35.03 16.25
C ASN B 286 12.19 35.10 14.73
N HIS B 287 12.42 36.33 14.23
CA HIS B 287 12.62 36.60 12.81
C HIS B 287 13.76 37.59 12.53
N ALA B 288 14.22 37.55 11.29
CA ALA B 288 15.07 38.56 10.67
C ALA B 288 14.78 38.41 9.18
N PHE B 289 15.52 39.18 8.38
CA PHE B 289 15.16 39.43 7.00
C PHE B 289 16.33 39.18 6.02
N LEU B 290 16.16 38.22 5.13
CA LEU B 290 17.17 37.94 4.09
C LEU B 290 16.88 38.69 2.78
N ALA B 291 17.77 39.63 2.47
CA ALA B 291 17.61 40.46 1.28
C ALA B 291 17.98 39.63 0.07
N GLY B 292 16.98 39.38 -0.79
CA GLY B 292 17.26 38.85 -2.11
C GLY B 292 17.21 37.33 -2.18
N ALA B 293 17.40 36.69 -1.05
CA ALA B 293 17.29 35.25 -0.98
C ALA B 293 15.87 34.70 -1.31
N VAL B 294 15.79 33.83 -2.33
CA VAL B 294 14.51 33.17 -2.71
C VAL B 294 14.51 31.62 -2.72
N SER B 295 15.70 31.02 -2.85
CA SER B 295 15.88 29.59 -3.16
C SER B 295 16.26 28.76 -1.94
N ARG B 296 15.50 27.72 -1.64
CA ARG B 296 15.82 26.89 -0.49
C ARG B 296 17.05 26.03 -0.77
N LYS B 297 17.09 25.42 -1.94
CA LYS B 297 18.24 24.59 -2.29
C LYS B 297 19.55 25.40 -2.53
N LYS B 298 19.47 26.66 -2.91
CA LYS B 298 20.69 27.40 -3.19
C LYS B 298 21.08 28.43 -2.10
N GLN B 299 20.10 28.93 -1.36
CA GLN B 299 20.32 29.98 -0.36
C GLN B 299 20.10 29.60 1.10
N VAL B 300 19.38 28.51 1.36
CA VAL B 300 19.10 28.08 2.74
C VAL B 300 19.71 26.74 3.17
N VAL B 301 19.76 25.76 2.27
CA VAL B 301 20.20 24.41 2.66
C VAL B 301 21.73 24.24 2.73
N PRO B 302 22.49 24.76 1.75
CA PRO B 302 23.96 24.61 1.86
C PRO B 302 24.54 25.25 3.13
N GLN B 303 23.92 26.33 3.58
CA GLN B 303 24.45 27.15 4.68
C GLN B 303 24.15 26.54 6.05
N LEU B 304 22.89 26.14 6.26
CA LEU B 304 22.48 25.34 7.43
C LEU B 304 23.33 24.07 7.55
N THR B 305 23.37 23.32 6.44
CA THR B 305 24.11 22.07 6.30
C THR B 305 25.50 22.15 6.91
N GLU B 306 26.19 23.24 6.62
CA GLU B 306 27.57 23.42 7.02
C GLU B 306 27.70 24.01 8.42
N SER B 307 26.97 25.08 8.72
CA SER B 307 27.00 25.68 10.09
C SER B 307 26.44 24.72 11.15
N TYR B 308 25.74 23.68 10.72
CA TYR B 308 25.45 22.57 11.64
C TYR B 308 26.70 21.73 11.90
N ASN B 309 27.53 21.52 10.89
CA ASN B 309 28.73 20.67 11.04
C ASN B 309 29.97 21.39 11.53
N ALA B 310 29.88 22.73 11.66
CA ALA B 310 30.98 23.55 12.12
C ALA B 310 31.47 23.01 13.47
#